data_4XSK
#
_entry.id   4XSK
#
_cell.length_a   121.025
_cell.length_b   121.025
_cell.length_c   42.774
_cell.angle_alpha   90.00
_cell.angle_beta   90.00
_cell.angle_gamma   120.00
#
_symmetry.space_group_name_H-M   'H 3'
#
loop_
_entity.id
_entity.type
_entity.pdbx_description
1 polymer 'Urokinase-type plasminogen activator'
2 non-polymer 'SULFATE ION'
3 non-polymer 'TRIETHYLENE GLYCOL'
4 non-polymer GLYCEROL
5 water water
#
_entity_poly.entity_id   1
_entity_poly.type   'polypeptide(L)'
_entity_poly.pdbx_seq_one_letter_code
;IIGGEFTTIENQPWFAAIYRRHRRGSVTYVCGGSLISPCWVISATHCFIDYPKKEDYIVYLGRSRLNSNTQGEMKFEVEN
LILHKDYSADTLAHHNDIALLKIRSKEGRCAQPSRTIQTIALPSMYNDPQFGTSCEITGFGKEQSTDYLYPEQLKMTVVK
LISHRECQQPHYYGSEVTTKMLCAADPQWKTDSCQGDAGGPLVCSLQGRMTLTGIVSWGLGCALKDKPGVYTRVSHFLPW
IRSHTK
;
_entity_poly.pdbx_strand_id   U
#
loop_
_chem_comp.id
_chem_comp.type
_chem_comp.name
_chem_comp.formula
GOL non-polymer GLYCEROL 'C3 H8 O3'
PGE non-polymer 'TRIETHYLENE GLYCOL' 'C6 H14 O4'
SO4 non-polymer 'SULFATE ION' 'O4 S -2'
#
# COMPACT_ATOMS: atom_id res chain seq x y z
N ILE A 1 -8.97 6.63 1.86
CA ILE A 1 -10.08 5.65 1.85
C ILE A 1 -11.39 6.41 1.77
N ILE A 2 -12.14 6.23 0.69
CA ILE A 2 -13.52 6.69 0.57
C ILE A 2 -14.41 5.71 1.37
N GLY A 3 -15.28 6.24 2.22
CA GLY A 3 -16.10 5.37 3.02
C GLY A 3 -15.30 4.59 4.04
N GLY A 4 -15.72 3.37 4.35
CA GLY A 4 -14.99 2.66 5.37
C GLY A 4 -15.10 3.21 6.72
N GLU A 5 -14.09 2.98 7.53
CA GLU A 5 -14.15 3.25 8.94
C GLU A 5 -12.83 3.68 9.48
N PHE A 6 -12.80 4.47 10.56
CA PHE A 6 -11.53 4.79 11.26
C PHE A 6 -11.00 3.57 12.01
N THR A 7 -9.69 3.50 12.12
CA THR A 7 -9.00 2.49 12.86
C THR A 7 -7.81 3.07 13.60
N THR A 8 -7.16 2.26 14.40
CA THR A 8 -5.88 2.52 14.98
C THR A 8 -4.95 1.39 14.50
N ILE A 9 -3.68 1.60 14.80
CA ILE A 9 -2.60 0.72 14.23
C ILE A 9 -2.65 -0.70 14.74
N GLU A 10 -3.30 -0.91 15.92
CA GLU A 10 -3.47 -2.26 16.37
C GLU A 10 -4.19 -3.14 15.42
N ASN A 11 -5.06 -2.59 14.59
CA ASN A 11 -5.80 -3.36 13.66
C ASN A 11 -5.19 -3.56 12.26
N GLN A 12 -3.98 -2.99 12.16
CA GLN A 12 -3.20 -3.23 10.95
C GLN A 12 -1.75 -2.98 11.30
N PRO A 13 -1.12 -3.82 12.14
CA PRO A 13 0.13 -3.41 12.79
C PRO A 13 1.38 -3.57 11.92
N TRP A 14 1.17 -4.06 10.69
CA TRP A 14 2.25 -4.01 9.66
C TRP A 14 2.21 -2.73 8.88
N PHE A 15 1.22 -1.87 9.04
CA PHE A 15 1.09 -0.67 8.20
C PHE A 15 2.25 0.29 8.52
N ALA A 16 2.90 0.78 7.45
CA ALA A 16 4.01 1.75 7.59
C ALA A 16 3.59 3.05 6.96
N ALA A 17 3.88 4.17 7.63
CA ALA A 17 3.58 5.49 7.16
C ALA A 17 4.83 6.15 6.68
N ILE A 18 4.88 6.53 5.38
CA ILE A 18 6.14 6.99 4.76
C ILE A 18 6.01 8.46 4.37
N TYR A 19 7.02 9.23 4.76
CA TYR A 19 7.04 10.68 4.70
C TYR A 19 8.31 11.16 3.96
N ARG A 20 8.27 12.34 3.39
CA ARG A 20 9.43 12.93 2.71
C ARG A 20 9.85 14.17 3.41
N ARG A 21 11.14 14.36 3.48
CA ARG A 21 11.73 15.58 3.97
C ARG A 21 11.92 16.57 2.89
N HIS A 22 11.97 17.83 3.27
CA HIS A 22 12.21 18.91 2.36
C HIS A 22 13.34 19.81 2.83
N ARG A 23 13.95 20.44 1.83
CA ARG A 23 14.71 21.70 1.98
C ARG A 23 14.15 22.64 3.10
N ARG A 24 12.83 22.86 3.13
CA ARG A 24 12.01 23.45 4.21
C ARG A 24 11.30 22.50 5.25
N GLY A 25 11.32 22.85 6.53
CA GLY A 25 10.73 22.08 7.61
C GLY A 25 9.43 21.31 7.31
N SER A 26 8.90 21.55 6.11
CA SER A 26 8.06 20.63 5.38
C SER A 26 8.59 19.13 5.55
N VAL A 27 7.92 18.30 6.35
CA VAL A 27 7.93 16.81 6.31
C VAL A 27 6.51 16.34 6.07
N THR A 28 6.34 15.71 4.96
CA THR A 28 4.98 15.56 4.39
C THR A 28 4.74 14.10 4.00
N TYR A 29 3.53 13.70 4.12
CA TYR A 29 3.18 12.27 3.86
C TYR A 29 3.30 11.95 2.37
N VAL A 30 3.83 10.78 2.11
CA VAL A 30 4.08 10.24 0.75
C VAL A 30 3.11 9.10 0.43
N CYS A 31 3.18 8.03 1.22
CA CYS A 31 2.47 6.78 0.86
C CYS A 31 2.47 5.85 2.04
N GLY A 32 1.63 4.85 1.91
CA GLY A 32 1.67 3.72 2.84
C GLY A 32 2.64 2.63 2.42
N GLY A 33 2.82 1.63 3.28
CA GLY A 33 3.66 0.45 3.03
C GLY A 33 3.29 -0.62 4.04
N SER A 34 3.96 -1.75 3.93
CA SER A 34 3.69 -2.91 4.78
C SER A 34 4.99 -3.48 5.22
N LEU A 35 5.06 -3.79 6.52
CA LEU A 35 6.22 -4.49 7.09
C LEU A 35 6.21 -5.94 6.82
N ILE A 36 7.14 -6.48 6.01
CA ILE A 36 7.14 -7.87 5.66
C ILE A 36 8.24 -8.66 6.44
N SER A 37 9.17 -7.93 7.02
CA SER A 37 10.19 -8.54 7.95
C SER A 37 10.71 -7.42 8.74
N PRO A 38 11.46 -7.64 9.83
CA PRO A 38 11.82 -6.53 10.67
C PRO A 38 12.49 -5.36 9.98
N CYS A 39 13.31 -5.67 8.96
CA CYS A 39 14.10 -4.62 8.31
C CYS A 39 13.57 -4.18 6.98
N TRP A 40 12.43 -4.78 6.56
CA TRP A 40 11.86 -4.48 5.20
C TRP A 40 10.42 -4.02 5.17
N VAL A 41 10.21 -2.91 4.46
CA VAL A 41 8.86 -2.43 4.18
C VAL A 41 8.61 -2.51 2.69
N ILE A 42 7.47 -3.02 2.25
CA ILE A 42 7.13 -3.09 0.85
C ILE A 42 6.08 -2.05 0.51
N SER A 43 6.20 -1.42 -0.66
CA SER A 43 5.31 -0.33 -1.06
C SER A 43 5.29 -0.24 -2.61
N ALA A 44 4.94 0.91 -3.19
CA ALA A 44 4.76 1.03 -4.66
C ALA A 44 5.88 1.95 -5.18
N THR A 45 6.51 1.54 -6.29
CA THR A 45 7.53 2.44 -6.92
C THR A 45 7.03 3.86 -7.26
N HIS A 46 5.79 4.01 -7.68
CA HIS A 46 5.31 5.36 -8.13
C HIS A 46 5.40 6.37 -7.01
N CYS A 47 5.43 5.91 -5.74
CA CYS A 47 5.48 6.81 -4.59
C CYS A 47 6.79 7.50 -4.56
N PHE A 48 7.83 6.93 -5.17
CA PHE A 48 9.23 7.39 -4.97
C PHE A 48 9.94 7.80 -6.29
N ILE A 49 9.36 7.45 -7.42
CA ILE A 49 10.08 7.55 -8.71
C ILE A 49 10.50 8.98 -9.05
N ASP A 50 9.76 10.02 -8.52
CA ASP A 50 10.12 11.41 -8.83
C ASP A 50 11.27 11.83 -7.97
N TYR A 51 11.50 11.25 -6.83
CA TYR A 51 12.49 11.63 -5.84
C TYR A 51 13.20 10.45 -5.41
N PRO A 52 14.01 9.64 -6.06
CA PRO A 52 14.44 8.32 -5.77
C PRO A 52 15.62 8.18 -4.81
N LYS A 53 15.87 9.20 -4.00
CA LYS A 53 16.97 9.20 -3.10
C LYS A 53 16.52 8.73 -1.68
N LYS A 54 17.21 7.71 -1.20
CA LYS A 54 16.81 7.12 0.11
C LYS A 54 16.86 8.10 1.19
N GLU A 55 17.75 9.29 1.17
CA GLU A 55 17.82 10.18 2.31
C GLU A 55 16.61 11.10 2.43
N ASP A 56 15.70 11.13 1.46
CA ASP A 56 14.60 12.06 1.40
C ASP A 56 13.40 11.52 2.22
N TYR A 57 13.52 10.30 2.73
CA TYR A 57 12.32 9.64 3.34
C TYR A 57 12.49 9.28 4.81
N ILE A 58 11.37 9.27 5.58
CA ILE A 58 11.34 8.73 6.88
C ILE A 58 10.17 7.73 6.93
N VAL A 59 10.34 6.65 7.68
CA VAL A 59 9.30 5.60 7.76
C VAL A 59 8.94 5.52 9.25
N TYR A 60 7.64 5.53 9.51
CA TYR A 60 7.14 5.19 10.84
C TYR A 60 6.40 3.90 10.87
N LEU A 61 6.54 3.14 11.95
CA LEU A 61 5.76 1.94 12.29
C LEU A 61 5.03 2.22 13.61
N GLY A 62 3.90 1.57 13.82
CA GLY A 62 3.19 1.84 15.05
C GLY A 62 2.44 3.11 15.12
N ARG A 63 2.18 3.74 13.98
CA ARG A 63 1.56 5.05 13.93
C ARG A 63 0.18 5.00 13.35
N SER A 64 -0.76 5.59 14.10
CA SER A 64 -2.22 5.67 13.79
C SER A 64 -2.67 7.01 13.33
N ARG A 65 -1.85 8.05 13.48
CA ARG A 65 -2.23 9.43 13.17
C ARG A 65 -1.25 10.02 12.20
N LEU A 66 -1.75 10.96 11.39
CA LEU A 66 -0.92 11.39 10.25
C LEU A 66 0.11 12.43 10.71
N ASN A 67 -0.34 13.40 11.46
CA ASN A 67 0.53 14.55 11.79
C ASN A 67 0.81 14.67 13.26
N SER A 68 0.43 13.66 14.04
CA SER A 68 0.76 13.57 15.44
C SER A 68 1.25 12.23 15.74
N ASN A 69 2.04 12.12 16.79
CA ASN A 69 2.71 10.94 17.09
C ASN A 69 1.76 9.98 17.81
N THR A 70 2.00 8.71 17.66
CA THR A 70 1.22 7.68 18.35
C THR A 70 2.20 7.08 19.42
N GLN A 71 1.67 6.89 20.63
CA GLN A 71 2.53 6.28 21.68
C GLN A 71 3.00 4.89 21.22
N GLY A 72 4.29 4.64 21.39
CA GLY A 72 4.98 3.43 21.02
C GLY A 72 5.48 3.36 19.58
N GLU A 73 5.28 4.43 18.83
CA GLU A 73 5.71 4.34 17.41
C GLU A 73 7.24 4.21 17.31
N MET A 74 7.69 3.74 16.17
CA MET A 74 9.15 3.78 15.88
C MET A 74 9.41 4.53 14.55
N LYS A 75 10.50 5.28 14.53
CA LYS A 75 10.93 6.12 13.42
C LYS A 75 12.20 5.53 12.79
N PHE A 76 12.22 5.45 11.48
CA PHE A 76 13.34 4.84 10.74
C PHE A 76 13.79 5.73 9.59
N GLU A 77 15.09 5.76 9.37
CA GLU A 77 15.59 6.26 8.10
C GLU A 77 15.53 5.09 7.12
N VAL A 78 15.74 5.42 5.83
CA VAL A 78 15.73 4.45 4.79
C VAL A 78 17.15 4.16 4.37
N GLU A 79 17.50 2.95 4.69
CA GLU A 79 18.91 2.49 4.47
C GLU A 79 19.09 2.18 2.95
N ASN A 80 18.06 1.69 2.28
CA ASN A 80 18.09 1.41 0.83
C ASN A 80 16.65 1.54 0.28
N LEU A 81 16.53 2.22 -0.83
CA LEU A 81 15.27 2.43 -1.54
C LEU A 81 15.39 1.70 -2.86
N ILE A 82 14.66 0.60 -3.01
CA ILE A 82 14.76 -0.31 -4.14
C ILE A 82 13.48 -0.30 -4.99
N LEU A 83 13.56 0.19 -6.25
CA LEU A 83 12.45 0.37 -7.11
C LEU A 83 12.51 -0.73 -8.13
N HIS A 84 11.39 -1.11 -8.73
CA HIS A 84 11.40 -2.19 -9.72
C HIS A 84 11.91 -1.63 -11.04
N LYS A 85 12.91 -2.30 -11.60
CA LYS A 85 13.55 -1.71 -12.77
C LYS A 85 12.68 -1.84 -14.02
N ASP A 86 11.63 -2.69 -14.04
CA ASP A 86 10.69 -2.70 -15.12
C ASP A 86 9.46 -1.80 -14.94
N TYR A 87 9.53 -0.89 -13.97
CA TYR A 87 8.48 0.06 -13.77
C TYR A 87 8.11 0.81 -15.06
N SER A 88 6.83 1.03 -15.30
CA SER A 88 6.40 1.94 -16.34
C SER A 88 5.10 2.58 -15.99
N ALA A 89 4.83 3.72 -16.55
CA ALA A 89 3.55 4.35 -16.33
C ALA A 89 2.96 4.96 -17.62
N ASP A 90 1.64 4.97 -17.77
CA ASP A 90 1.01 5.80 -18.77
C ASP A 90 0.26 6.83 -18.05
N THR A 91 -0.85 7.34 -18.55
CA THR A 91 -1.53 8.45 -17.89
C THR A 91 -2.10 7.93 -16.59
N LEU A 92 -2.40 6.63 -16.60
CA LEU A 92 -3.17 5.91 -15.61
C LEU A 92 -2.40 4.71 -14.99
N ALA A 93 -2.23 3.67 -15.74
CA ALA A 93 -1.87 2.40 -15.18
C ALA A 93 -0.38 2.45 -14.88
N HIS A 94 0.04 1.97 -13.75
CA HIS A 94 1.46 1.78 -13.45
C HIS A 94 1.79 0.28 -13.50
N HIS A 95 2.78 -0.11 -14.26
CA HIS A 95 3.20 -1.50 -14.31
C HIS A 95 4.36 -1.77 -13.38
N ASN A 96 4.42 -2.97 -12.81
CA ASN A 96 5.53 -3.33 -11.85
C ASN A 96 5.68 -2.33 -10.75
N ASP A 97 4.50 -1.95 -10.18
CA ASP A 97 4.46 -0.87 -9.21
C ASP A 97 4.72 -1.42 -7.80
N ILE A 98 5.99 -1.65 -7.51
CA ILE A 98 6.38 -2.40 -6.31
C ILE A 98 7.75 -1.91 -5.91
N ALA A 99 7.99 -1.65 -4.64
CA ALA A 99 9.19 -1.07 -4.11
C ALA A 99 9.55 -1.66 -2.78
N LEU A 100 10.79 -1.66 -2.39
CA LEU A 100 11.22 -2.12 -1.04
C LEU A 100 11.99 -1.05 -0.36
N LEU A 101 11.76 -0.82 0.93
CA LEU A 101 12.53 0.08 1.72
C LEU A 101 13.16 -0.72 2.83
N LYS A 102 14.50 -0.74 2.86
CA LYS A 102 15.19 -1.30 4.00
C LYS A 102 15.32 -0.25 5.05
N ILE A 103 14.73 -0.54 6.23
CA ILE A 103 14.61 0.48 7.28
C ILE A 103 15.67 0.35 8.36
N ARG A 104 16.18 1.44 8.86
CA ARG A 104 17.15 1.47 9.92
C ARG A 104 17.00 2.71 10.75
N SER A 105 16.87 2.53 12.06
CA SER A 105 16.76 3.66 12.98
C SER A 105 18.09 4.37 13.16
N LYS A 106 18.04 5.54 13.76
CA LYS A 106 19.23 6.26 14.08
C LYS A 106 20.22 5.45 14.91
N GLU A 107 19.76 4.50 15.65
CA GLU A 107 20.56 3.66 16.50
C GLU A 107 20.98 2.40 15.79
N GLY A 108 20.62 2.32 14.51
CA GLY A 108 21.02 1.20 13.72
C GLY A 108 20.17 -0.03 13.82
N ARG A 109 18.94 0.08 14.31
CA ARG A 109 18.06 -1.07 14.42
C ARG A 109 16.90 -1.16 13.42
N CYS A 110 16.39 -2.36 13.31
CA CYS A 110 15.17 -2.61 12.56
C CYS A 110 13.91 -2.59 13.47
N ALA A 111 12.75 -2.89 12.93
CA ALA A 111 11.56 -2.88 13.73
C ALA A 111 11.64 -3.95 14.86
N GLN A 112 11.08 -3.58 16.00
CA GLN A 112 10.92 -4.46 17.18
C GLN A 112 9.45 -4.76 17.31
N PRO A 113 9.02 -6.03 17.10
CA PRO A 113 7.59 -6.34 17.28
C PRO A 113 7.02 -5.97 18.63
N SER A 114 5.80 -5.41 18.59
CA SER A 114 5.00 -5.03 19.79
C SER A 114 3.52 -5.22 19.44
N ARG A 115 2.67 -4.78 20.34
CA ARG A 115 1.26 -4.77 20.08
C ARG A 115 0.89 -3.93 18.83
N THR A 116 1.67 -2.91 18.53
CA THR A 116 1.42 -1.98 17.44
C THR A 116 2.33 -2.16 16.26
N ILE A 117 3.27 -3.08 16.30
CA ILE A 117 4.26 -3.29 15.22
C ILE A 117 4.38 -4.77 14.97
N GLN A 118 3.94 -5.28 13.82
CA GLN A 118 3.94 -6.67 13.48
C GLN A 118 4.20 -6.83 11.97
N THR A 119 4.69 -7.97 11.51
CA THR A 119 4.79 -8.26 10.09
C THR A 119 3.60 -8.91 9.50
N ILE A 120 3.42 -8.77 8.20
CA ILE A 120 2.41 -9.45 7.47
C ILE A 120 2.99 -10.53 6.56
N ALA A 121 2.36 -11.67 6.49
CA ALA A 121 2.78 -12.76 5.63
C ALA A 121 2.59 -12.46 4.17
N LEU A 122 3.54 -12.88 3.38
CA LEU A 122 3.41 -12.92 1.94
C LEU A 122 2.61 -14.09 1.43
N PRO A 123 1.93 -13.97 0.31
CA PRO A 123 1.23 -15.10 -0.29
C PRO A 123 2.24 -16.10 -0.82
N SER A 124 1.75 -17.32 -0.95
CA SER A 124 2.49 -18.31 -1.77
C SER A 124 2.31 -17.95 -3.27
N MET A 125 3.24 -18.35 -4.15
CA MET A 125 3.22 -17.92 -5.53
C MET A 125 1.92 -18.25 -6.19
N TYR A 126 1.43 -17.29 -6.99
CA TYR A 126 0.28 -17.50 -7.84
C TYR A 126 -0.89 -18.03 -7.00
N ASN A 127 -1.01 -17.65 -5.71
CA ASN A 127 -2.04 -18.19 -4.84
C ASN A 127 -2.86 -17.02 -4.29
N ASP A 128 -3.91 -16.71 -5.04
CA ASP A 128 -4.77 -15.53 -4.63
C ASP A 128 -6.16 -16.05 -4.33
N PRO A 129 -6.96 -15.27 -3.58
CA PRO A 129 -8.33 -15.69 -3.31
C PRO A 129 -9.19 -15.65 -4.55
N GLN A 130 -10.28 -16.41 -4.55
CA GLN A 130 -11.22 -16.37 -5.65
C GLN A 130 -11.86 -15.01 -5.84
N PHE A 131 -12.26 -14.68 -7.04
CA PHE A 131 -12.97 -13.39 -7.23
C PHE A 131 -14.22 -13.42 -6.38
N GLY A 132 -14.60 -12.27 -5.89
CA GLY A 132 -15.71 -12.14 -4.96
C GLY A 132 -15.30 -12.12 -3.52
N THR A 133 -14.11 -12.55 -3.22
CA THR A 133 -13.62 -12.59 -1.87
C THR A 133 -13.53 -11.19 -1.32
N SER A 134 -13.94 -10.99 -0.08
CA SER A 134 -13.77 -9.69 0.62
C SER A 134 -12.36 -9.61 1.24
N CYS A 135 -11.67 -8.48 1.00
CA CYS A 135 -10.38 -8.20 1.56
C CYS A 135 -10.44 -6.79 2.16
N GLU A 136 -9.40 -6.42 2.83
CA GLU A 136 -9.31 -5.12 3.46
C GLU A 136 -8.19 -4.27 2.91
N ILE A 137 -8.42 -2.94 2.90
CA ILE A 137 -7.37 -1.94 2.56
C ILE A 137 -7.20 -0.95 3.64
N THR A 138 -6.03 -0.35 3.72
CA THR A 138 -5.76 0.53 4.85
C THR A 138 -5.00 1.76 4.38
N GLY A 139 -5.28 2.97 4.91
CA GLY A 139 -4.43 4.10 4.55
C GLY A 139 -4.89 5.40 5.08
N PHE A 140 -4.05 6.43 4.87
CA PHE A 140 -4.31 7.83 5.20
C PHE A 140 -4.77 8.68 4.03
N GLY A 141 -5.19 8.04 2.96
CA GLY A 141 -5.54 8.82 1.80
C GLY A 141 -6.92 9.50 1.96
N LYS A 142 -7.27 10.24 0.90
CA LYS A 142 -8.45 11.11 0.96
C LYS A 142 -9.68 10.36 1.28
N GLU A 143 -10.57 11.01 2.00
CA GLU A 143 -11.89 10.47 2.29
C GLU A 143 -12.99 10.79 1.29
N GLN A 144 -12.70 11.79 0.48
CA GLN A 144 -13.55 12.22 -0.64
C GLN A 144 -12.65 12.69 -1.72
N SER A 145 -12.95 12.39 -2.97
CA SER A 145 -12.08 12.80 -4.05
C SER A 145 -11.91 14.31 -4.10
N THR A 146 -12.92 15.08 -3.69
CA THR A 146 -12.83 16.53 -3.77
C THR A 146 -12.10 17.13 -2.57
N ASP A 147 -11.72 16.32 -1.59
CA ASP A 147 -11.01 16.86 -0.40
C ASP A 147 -9.65 17.33 -0.76
N TYR A 148 -9.19 18.32 -0.01
CA TYR A 148 -7.81 18.75 -0.10
C TYR A 148 -6.96 18.09 0.98
N LEU A 149 -7.50 18.02 2.18
CA LEU A 149 -6.83 17.41 3.32
C LEU A 149 -6.89 15.89 3.25
N TYR A 150 -5.90 15.26 3.88
CA TYR A 150 -5.98 13.82 4.24
C TYR A 150 -6.49 13.70 5.67
N PRO A 151 -7.14 12.58 5.99
CA PRO A 151 -7.57 12.36 7.38
C PRO A 151 -6.40 12.24 8.29
N GLU A 152 -6.55 12.77 9.53
CA GLU A 152 -5.53 12.63 10.52
C GLU A 152 -5.53 11.24 11.15
N GLN A 153 -6.66 10.53 11.13
CA GLN A 153 -6.72 9.18 11.69
C GLN A 153 -6.78 8.13 10.58
N LEU A 154 -6.01 7.06 10.79
CA LEU A 154 -5.93 5.96 9.83
C LEU A 154 -7.31 5.41 9.59
N LYS A 155 -7.53 4.96 8.36
CA LYS A 155 -8.79 4.35 7.94
C LYS A 155 -8.56 2.99 7.31
N MET A 156 -9.60 2.16 7.36
CA MET A 156 -9.71 0.90 6.68
C MET A 156 -11.05 0.71 6.02
N THR A 157 -11.10 -0.10 4.96
CA THR A 157 -12.35 -0.53 4.38
C THR A 157 -12.25 -1.94 3.79
N VAL A 158 -13.40 -2.45 3.35
CA VAL A 158 -13.48 -3.74 2.69
C VAL A 158 -13.85 -3.55 1.26
N VAL A 159 -13.13 -4.23 0.37
CA VAL A 159 -13.39 -4.30 -1.07
C VAL A 159 -13.37 -5.75 -1.54
N LYS A 160 -14.10 -6.05 -2.60
CA LYS A 160 -14.15 -7.46 -3.11
C LYS A 160 -13.30 -7.56 -4.37
N LEU A 161 -12.56 -8.67 -4.48
CA LEU A 161 -11.74 -8.88 -5.65
C LEU A 161 -12.55 -9.13 -6.90
N ILE A 162 -12.06 -8.56 -7.97
CA ILE A 162 -12.71 -8.61 -9.26
C ILE A 162 -11.81 -9.45 -10.20
N SER A 163 -12.43 -10.28 -11.02
CA SER A 163 -11.59 -11.10 -11.90
C SER A 163 -10.90 -10.29 -12.96
N HIS A 164 -9.76 -10.79 -13.50
CA HIS A 164 -9.12 -10.11 -14.63
C HIS A 164 -10.09 -10.04 -15.80
N ARG A 165 -10.90 -11.10 -15.98
CA ARG A 165 -11.89 -11.07 -17.07
C ARG A 165 -12.90 -9.97 -16.98
N GLU A 166 -13.33 -9.64 -15.75
CA GLU A 166 -14.26 -8.55 -15.59
C GLU A 166 -13.50 -7.21 -15.74
N CYS A 167 -12.30 -7.13 -15.15
CA CYS A 167 -11.60 -5.85 -15.09
C CYS A 167 -11.04 -5.38 -16.45
N GLN A 168 -10.75 -6.36 -17.32
CA GLN A 168 -10.23 -6.05 -18.63
C GLN A 168 -11.37 -5.68 -19.59
N GLN A 169 -12.62 -5.73 -19.23
CA GLN A 169 -13.63 -5.24 -20.17
C GLN A 169 -13.38 -3.75 -20.51
N PRO A 170 -13.74 -3.41 -21.78
CA PRO A 170 -13.56 -2.01 -22.15
C PRO A 170 -14.21 -1.00 -21.20
N HIS A 171 -15.38 -1.31 -20.67
CA HIS A 171 -16.06 -0.35 -19.78
C HIS A 171 -15.52 -0.36 -18.35
N TYR A 172 -14.63 -1.28 -18.05
CA TYR A 172 -13.82 -1.18 -16.84
C TYR A 172 -12.49 -0.56 -17.26
N TYR A 173 -11.37 -1.30 -17.33
CA TYR A 173 -10.10 -0.74 -17.66
C TYR A 173 -9.43 -1.21 -18.94
N GLY A 174 -10.07 -2.12 -19.64
CA GLY A 174 -9.49 -2.55 -20.95
C GLY A 174 -8.11 -3.16 -20.75
N SER A 175 -7.19 -2.83 -21.69
CA SER A 175 -5.83 -3.36 -21.64
C SER A 175 -4.92 -2.73 -20.58
N GLU A 176 -5.44 -1.75 -19.83
CA GLU A 176 -4.61 -1.10 -18.79
C GLU A 176 -4.28 -2.06 -17.70
N VAL A 177 -5.14 -3.05 -17.48
CA VAL A 177 -4.95 -4.02 -16.42
C VAL A 177 -4.30 -5.26 -16.99
N THR A 178 -3.30 -5.77 -16.27
CA THR A 178 -2.61 -6.99 -16.64
C THR A 178 -2.81 -8.07 -15.59
N THR A 179 -2.38 -9.30 -15.82
CA THR A 179 -2.41 -10.35 -14.83
C THR A 179 -1.44 -10.20 -13.67
N LYS A 180 -0.58 -9.15 -13.69
CA LYS A 180 0.25 -8.86 -12.59
C LYS A 180 -0.47 -7.79 -11.70
N MET A 181 -1.72 -7.57 -11.96
CA MET A 181 -2.53 -6.60 -11.18
C MET A 181 -3.76 -7.28 -10.75
N LEU A 182 -4.34 -6.72 -9.68
CA LEU A 182 -5.65 -7.20 -9.14
C LEU A 182 -6.55 -6.01 -9.02
N CYS A 183 -7.77 -6.12 -9.53
CA CYS A 183 -8.79 -5.13 -9.30
C CYS A 183 -9.62 -5.49 -8.07
N ALA A 184 -10.13 -4.48 -7.39
CA ALA A 184 -11.01 -4.73 -6.22
C ALA A 184 -11.92 -3.54 -6.06
N ALA A 185 -13.16 -3.80 -5.69
CA ALA A 185 -14.17 -2.69 -5.55
C ALA A 185 -15.34 -3.16 -4.75
N ASP A 186 -16.12 -2.12 -4.36
CA ASP A 186 -17.34 -2.36 -3.65
C ASP A 186 -18.46 -2.57 -4.64
N PRO A 187 -19.44 -3.57 -4.32
CA PRO A 187 -20.55 -3.78 -5.23
C PRO A 187 -21.31 -2.53 -5.68
N GLN A 188 -21.42 -1.56 -4.70
CA GLN A 188 -22.14 -0.29 -4.95
C GLN A 188 -21.15 0.84 -5.29
N TRP A 189 -19.87 0.52 -5.44
CA TRP A 189 -18.86 1.54 -5.75
C TRP A 189 -18.74 2.61 -4.67
N LYS A 190 -19.15 2.25 -3.45
CA LYS A 190 -19.31 3.31 -2.41
C LYS A 190 -18.09 3.52 -1.53
N THR A 191 -17.13 2.60 -1.63
CA THR A 191 -15.95 2.66 -0.79
C THR A 191 -14.76 2.20 -1.65
N ASP A 192 -13.55 2.75 -1.43
CA ASP A 192 -12.44 2.54 -2.33
C ASP A 192 -11.16 3.10 -1.75
N SER A 193 -10.02 2.79 -2.32
CA SER A 193 -8.82 3.54 -2.13
C SER A 193 -8.87 4.87 -2.88
N CYS A 194 -8.08 5.84 -2.44
CA CYS A 194 -8.01 7.12 -3.10
C CYS A 194 -6.66 7.74 -2.96
N GLN A 195 -6.44 8.95 -3.45
CA GLN A 195 -5.15 9.59 -3.41
C GLN A 195 -4.59 9.67 -2.01
N GLY A 196 -3.34 9.24 -1.88
CA GLY A 196 -2.64 9.11 -0.59
C GLY A 196 -2.70 7.68 0.00
N ASP A 197 -3.48 6.79 -0.62
CA ASP A 197 -3.53 5.38 -0.20
C ASP A 197 -2.48 4.51 -0.89
N ALA A 198 -1.82 5.01 -1.92
CA ALA A 198 -0.85 4.18 -2.59
C ALA A 198 0.20 3.63 -1.70
N GLY A 199 0.62 2.43 -2.04
CA GLY A 199 1.68 1.76 -1.36
C GLY A 199 1.20 0.89 -0.18
N GLY A 200 -0.02 1.10 0.30
CA GLY A 200 -0.56 0.37 1.41
C GLY A 200 -1.05 -0.98 1.08
N PRO A 201 -1.53 -1.72 2.12
CA PRO A 201 -1.84 -3.11 1.98
C PRO A 201 -3.26 -3.37 1.58
N LEU A 202 -3.41 -4.36 0.67
CA LEU A 202 -4.62 -5.10 0.44
C LEU A 202 -4.38 -6.46 1.11
N VAL A 203 -5.14 -6.76 2.17
CA VAL A 203 -4.98 -7.97 3.02
C VAL A 203 -6.19 -8.84 2.83
N CYS A 204 -5.95 -10.11 2.58
CA CYS A 204 -7.00 -11.12 2.41
C CYS A 204 -6.63 -12.30 3.35
N SER A 205 -7.64 -12.98 3.86
CA SER A 205 -7.41 -14.16 4.65
C SER A 205 -7.35 -15.35 3.77
N LEU A 206 -6.22 -16.03 3.72
CA LEU A 206 -6.10 -17.15 2.79
C LEU A 206 -5.76 -18.34 3.64
N GLN A 207 -6.68 -19.34 3.68
CA GLN A 207 -6.55 -20.52 4.56
C GLN A 207 -6.19 -20.14 5.98
N GLY A 208 -6.90 -19.18 6.59
CA GLY A 208 -6.60 -18.82 7.99
C GLY A 208 -5.50 -17.82 8.24
N ARG A 209 -4.82 -17.42 7.17
CA ARG A 209 -3.68 -16.55 7.31
C ARG A 209 -3.94 -15.17 6.64
N MET A 210 -3.76 -14.17 7.46
CA MET A 210 -3.85 -12.74 6.95
C MET A 210 -2.64 -12.61 5.99
N THR A 211 -2.89 -12.20 4.76
CA THR A 211 -1.92 -12.32 3.66
C THR A 211 -1.90 -11.01 2.91
N LEU A 212 -0.68 -10.55 2.60
CA LEU A 212 -0.51 -9.38 1.70
C LEU A 212 -0.78 -9.70 0.31
N THR A 213 -2.01 -9.75 -0.14
CA THR A 213 -2.39 -10.11 -1.49
C THR A 213 -2.02 -8.98 -2.48
N GLY A 214 -2.14 -7.72 -2.03
CA GLY A 214 -1.94 -6.65 -2.95
C GLY A 214 -1.37 -5.42 -2.29
N ILE A 215 -0.86 -4.49 -3.16
CA ILE A 215 -0.30 -3.20 -2.77
C ILE A 215 -1.11 -2.16 -3.60
N VAL A 216 -1.67 -1.16 -2.92
CA VAL A 216 -2.46 -0.12 -3.59
C VAL A 216 -1.60 0.57 -4.65
N SER A 217 -2.15 0.62 -5.88
CA SER A 217 -1.34 1.07 -7.03
C SER A 217 -1.99 2.25 -7.79
N TRP A 218 -3.14 2.04 -8.41
CA TRP A 218 -3.73 3.06 -9.25
C TRP A 218 -5.21 2.88 -9.40
N GLY A 219 -5.86 3.91 -9.98
CA GLY A 219 -7.24 3.81 -10.40
C GLY A 219 -7.69 5.05 -11.06
N LEU A 220 -8.82 5.00 -11.77
CA LEU A 220 -9.37 6.25 -12.31
C LEU A 220 -10.34 6.81 -11.29
N GLY A 221 -9.91 8.00 -10.77
CA GLY A 221 -10.77 8.47 -9.71
C GLY A 221 -10.83 7.55 -8.50
N CYS A 222 -11.83 7.75 -7.69
CA CYS A 222 -12.09 6.94 -6.51
C CYS A 222 -13.56 6.69 -6.38
N ALA A 223 -13.96 5.49 -6.01
CA ALA A 223 -15.32 5.15 -5.84
C ALA A 223 -16.22 5.53 -7.01
N LEU A 224 -15.71 5.33 -8.22
CA LEU A 224 -16.46 5.54 -9.50
C LEU A 224 -16.90 4.24 -10.07
N LYS A 225 -18.17 4.21 -10.53
CA LYS A 225 -18.73 3.05 -11.16
C LYS A 225 -17.88 2.55 -12.33
N ASP A 226 -17.63 1.27 -12.24
CA ASP A 226 -16.85 0.49 -13.24
C ASP A 226 -15.44 0.89 -13.32
N LYS A 227 -14.93 1.46 -12.22
CA LYS A 227 -13.56 1.87 -12.16
C LYS A 227 -12.94 1.43 -10.83
N PRO A 228 -12.59 0.14 -10.72
CA PRO A 228 -12.06 -0.37 -9.48
C PRO A 228 -10.75 0.24 -9.05
N GLY A 229 -10.41 0.01 -7.79
CA GLY A 229 -9.03 0.14 -7.38
C GLY A 229 -8.22 -0.96 -8.01
N VAL A 230 -6.97 -0.58 -8.36
CA VAL A 230 -6.00 -1.54 -8.91
C VAL A 230 -4.80 -1.66 -8.03
N TYR A 231 -4.41 -2.92 -7.85
CA TYR A 231 -3.41 -3.33 -6.91
C TYR A 231 -2.29 -4.16 -7.53
N THR A 232 -1.03 -3.98 -7.10
CA THR A 232 0.07 -4.84 -7.57
C THR A 232 -0.26 -6.20 -6.97
N ARG A 233 -0.16 -7.23 -7.84
CA ARG A 233 -0.49 -8.62 -7.41
C ARG A 233 0.76 -9.27 -6.83
N VAL A 234 0.90 -9.24 -5.49
CA VAL A 234 2.10 -9.62 -4.77
C VAL A 234 2.48 -11.06 -5.13
N SER A 235 1.51 -11.96 -5.33
CA SER A 235 1.87 -13.34 -5.56
C SER A 235 2.60 -13.56 -6.87
N HIS A 236 2.66 -12.58 -7.77
CA HIS A 236 3.42 -12.65 -9.02
C HIS A 236 4.78 -11.99 -8.93
N PHE A 237 5.20 -11.56 -7.74
CA PHE A 237 6.50 -10.91 -7.57
C PHE A 237 7.39 -11.52 -6.52
N LEU A 238 7.10 -12.77 -6.15
CA LEU A 238 7.91 -13.36 -5.03
C LEU A 238 9.45 -13.52 -5.28
N PRO A 239 9.81 -13.84 -6.48
CA PRO A 239 11.24 -13.92 -6.71
C PRO A 239 11.93 -12.56 -6.66
N TRP A 240 11.26 -11.54 -7.22
CA TRP A 240 11.74 -10.19 -7.08
C TRP A 240 11.90 -9.81 -5.63
N ILE A 241 10.87 -10.10 -4.80
CA ILE A 241 10.97 -9.76 -3.42
C ILE A 241 12.07 -10.55 -2.68
N ARG A 242 12.13 -11.84 -2.99
CA ARG A 242 13.13 -12.73 -2.30
C ARG A 242 14.58 -12.24 -2.58
N SER A 243 14.79 -11.84 -3.80
CA SER A 243 16.14 -11.41 -4.20
C SER A 243 16.48 -10.04 -3.58
N HIS A 244 15.59 -9.09 -3.70
CA HIS A 244 15.93 -7.78 -3.29
C HIS A 244 15.97 -7.58 -1.74
N THR A 245 15.25 -8.39 -0.99
CA THR A 245 15.39 -8.30 0.44
C THR A 245 16.64 -8.93 0.99
N LYS A 246 17.53 -9.39 0.13
CA LYS A 246 18.90 -9.78 0.54
C LYS A 246 19.86 -8.63 0.21
S SO4 B . -1.58 8.08 -5.08
O1 SO4 B . -1.98 7.66 -3.70
O2 SO4 B . -0.13 8.16 -5.21
O3 SO4 B . -2.24 9.39 -5.33
O4 SO4 B . -2.01 6.91 -5.93
S SO4 C . -18.00 -3.20 -22.90
O1 SO4 C . -17.65 -4.00 -24.09
O2 SO4 C . -17.00 -3.38 -21.79
O3 SO4 C . -19.34 -3.46 -22.31
O4 SO4 C . -17.90 -1.82 -23.35
C1 PGE D . -16.66 -9.63 -7.94
O1 PGE D . -18.06 -9.87 -8.24
C2 PGE D . -16.60 -8.37 -7.05
O2 PGE D . -17.09 -7.20 -7.74
C3 PGE D . -17.24 -6.05 -6.82
C4 PGE D . -17.66 -4.88 -7.70
O4 PGE D . -21.03 -5.52 -10.17
C6 PGE D . -20.92 -4.42 -9.27
C5 PGE D . -19.45 -4.14 -8.98
O3 PGE D . -19.01 -5.19 -8.12
C1 PGE E . 2.65 19.27 6.74
O1 PGE E . 3.75 20.12 6.78
C2 PGE E . 2.01 18.95 8.08
O2 PGE E . 0.84 19.72 8.06
C3 PGE E . -0.30 19.30 8.76
C4 PGE E . -1.26 20.47 8.73
O4 PGE E . -2.36 21.69 5.04
C6 PGE E . -2.86 22.45 6.11
C5 PGE E . -2.28 22.05 7.46
O3 PGE E . -1.65 20.77 7.38
C1 GOL F . 2.81 -6.21 -17.31
O1 GOL F . 2.05 -5.69 -16.16
C2 GOL F . 4.29 -6.50 -17.08
O2 GOL F . 4.55 -7.82 -17.62
C3 GOL F . 5.38 -5.62 -17.70
O3 GOL F . 6.67 -6.17 -17.28
C1 GOL G . -10.32 -14.39 -13.73
O1 GOL G . -10.31 -13.83 -15.06
C2 GOL G . -8.95 -14.51 -13.18
O2 GOL G . -8.11 -15.14 -14.15
C3 GOL G . -8.20 -13.27 -12.81
O3 GOL G . -6.83 -13.72 -13.06
#